data_5FZ6
#
_entry.id   5FZ6
#
_cell.length_a   143.490
_cell.length_b   143.490
_cell.length_c   153.430
_cell.angle_alpha   90.00
_cell.angle_beta   90.00
_cell.angle_gamma   120.00
#
_symmetry.space_group_name_H-M   'P 65 2 2'
#
loop_
_entity.id
_entity.type
_entity.pdbx_description
1 polymer 'LYSINE-SPECIFIC DEMETHYLASE 5B'
2 non-polymer 'ZINC ION'
3 non-polymer 'DIMETHYL SULFOXIDE'
4 non-polymer 'MANGANESE (II) ION'
5 non-polymer '4-(2-HYDROXYETHYL)-1-PIPERAZINE ETHANESULFONIC ACID'
6 non-polymer 1,2-ETHANEDIOL
7 non-polymer 4-CARBOXYPIPERIDINE
8 non-polymer 'CHLORIDE ION'
9 non-polymer 'PHOSPHATE ION'
10 water water
#
_entity_poly.entity_id   1
_entity_poly.type   'polypeptide(L)'
_entity_poly.pdbx_seq_one_letter_code
;SMFLPPPECPVFEPSWEEFADPFAFIHKIRPIAEQTGICKVRPPPDWQPPFACDVDKLHFTPRIQRLNELEAQTRVKLGG
GGARDYTLRTFGEMADAFKSDYFNMPVHMVPTELVEKEFWRLVSTIEEDVTVEYGADIASKEFGSGFPVRDGKIKLSPEE
EEYLDSGWNLNNMPVMEQSVLAHITADICGMKLPWLYVGMCFSSFCWHIEDHWSYSINYLHWGEPKTWYGVPGYAAEQLE
NVMKKLAPELFVSQPDLLHQLVTIMNPNTLMTHEVPVYRTNQCAGEFVITFPRAYHSGFNQGFNFAEAVNFCTVDWLPLG
RQCVEHYRLLHRYCVFSHDEMICKMASKADVLDVVVASTVQKDMAIMIEDEKALRETVRKLGVIDSERMDFELLPDDERQ
CVKCKTTCFMSAISCSCKPGLLVCLHHVKELCSCPPYKYKLRYRYTLDDLYPMMNALKLRAESYNEWALNVNEALEAKI
;
_entity_poly.pdbx_strand_id   A
#
loop_
_chem_comp.id
_chem_comp.type
_chem_comp.name
_chem_comp.formula
CL non-polymer 'CHLORIDE ION' 'Cl -1'
DMS non-polymer 'DIMETHYL SULFOXIDE' 'C2 H6 O S'
EDO non-polymer 1,2-ETHANEDIOL 'C2 H6 O2'
EPE non-polymer '4-(2-HYDROXYETHYL)-1-PIPERAZINE ETHANESULFONIC ACID' 'C8 H18 N2 O4 S'
MN non-polymer 'MANGANESE (II) ION' 'Mn 2'
MN1 non-polymer 4-CARBOXYPIPERIDINE 'C6 H11 N O2'
PO4 non-polymer 'PHOSPHATE ION' 'O4 P -3'
ZN non-polymer 'ZINC ION' 'Zn 2'
#
# COMPACT_ATOMS: atom_id res chain seq x y z
N SER A 1 1.19 -32.05 10.75
CA SER A 1 -0.14 -32.56 10.51
C SER A 1 -1.18 -31.48 10.74
N MET A 2 -2.19 -31.45 9.89
CA MET A 2 -3.17 -30.35 9.85
C MET A 2 -2.47 -28.97 9.66
N PHE A 3 -1.87 -28.36 10.68
CA PHE A 3 -1.15 -27.08 10.47
C PHE A 3 0.28 -27.00 10.99
N LEU A 4 1.22 -26.73 10.08
CA LEU A 4 2.62 -26.53 10.43
C LEU A 4 3.00 -25.04 10.30
N PRO A 5 3.17 -24.34 11.45
CA PRO A 5 3.47 -22.89 11.44
C PRO A 5 4.74 -22.57 10.64
N PRO A 6 4.66 -21.58 9.74
CA PRO A 6 5.86 -21.10 9.02
C PRO A 6 6.93 -20.63 10.00
N PRO A 7 8.20 -20.61 9.58
CA PRO A 7 9.25 -20.11 10.48
C PRO A 7 9.06 -18.62 10.79
N GLU A 8 9.60 -18.17 11.92
CA GLU A 8 9.39 -16.79 12.38
C GLU A 8 10.16 -15.76 11.55
N CYS A 9 9.54 -14.60 11.29
CA CYS A 9 10.25 -13.51 10.60
C CYS A 9 11.27 -12.85 11.56
N PRO A 10 12.17 -12.00 11.05
CA PRO A 10 13.12 -11.26 11.90
C PRO A 10 12.44 -10.33 12.90
N VAL A 11 13.03 -10.19 14.08
CA VAL A 11 12.56 -9.24 15.10
C VAL A 11 13.70 -8.30 15.50
N PHE A 12 13.43 -6.99 15.45
CA PHE A 12 14.48 -6.01 15.73
C PHE A 12 14.18 -5.26 17.01
N GLU A 13 15.24 -4.99 17.78
CA GLU A 13 15.16 -4.14 18.97
C GLU A 13 16.22 -3.04 18.91
N PRO A 14 15.88 -1.91 18.27
CA PRO A 14 16.83 -0.80 18.15
C PRO A 14 17.00 -0.03 19.47
N SER A 15 18.22 0.44 19.73
CA SER A 15 18.47 1.40 20.81
C SER A 15 17.80 2.73 20.50
N TRP A 16 17.75 3.64 21.47
N TRP A 16 17.76 3.62 21.49
CA TRP A 16 17.16 4.95 21.22
CA TRP A 16 17.23 4.96 21.29
C TRP A 16 17.92 5.68 20.12
C TRP A 16 17.92 5.68 20.15
N GLU A 17 19.21 5.43 20.02
CA GLU A 17 20.03 6.00 18.95
C GLU A 17 19.54 5.55 17.55
N GLU A 18 19.41 4.24 17.36
CA GLU A 18 19.01 3.65 16.07
C GLU A 18 17.57 4.04 15.73
N PHE A 19 16.75 4.11 16.77
CA PHE A 19 15.31 4.33 16.65
C PHE A 19 14.96 5.76 16.28
N ALA A 20 15.83 6.72 16.60
CA ALA A 20 15.56 8.14 16.38
C ALA A 20 15.07 8.46 14.96
N ASP A 21 15.79 7.95 13.96
CA ASP A 21 15.40 8.16 12.56
C ASP A 21 14.88 6.89 11.89
N PRO A 22 13.55 6.82 11.69
CA PRO A 22 12.91 5.65 11.08
C PRO A 22 13.47 5.32 9.69
N PHE A 23 13.79 6.31 8.88
CA PHE A 23 14.26 6.04 7.52
C PHE A 23 15.67 5.46 7.50
N ALA A 24 16.54 5.99 8.36
CA ALA A 24 17.89 5.43 8.45
C ALA A 24 17.83 3.99 8.97
N PHE A 25 16.94 3.76 9.94
CA PHE A 25 16.80 2.42 10.52
C PHE A 25 16.27 1.38 9.50
N ILE A 26 15.21 1.75 8.78
CA ILE A 26 14.61 0.85 7.81
C ILE A 26 15.60 0.51 6.71
N HIS A 27 16.40 1.50 6.31
CA HIS A 27 17.47 1.27 5.34
C HIS A 27 18.56 0.35 5.91
N LYS A 28 18.81 0.46 7.21
CA LYS A 28 19.78 -0.45 7.85
C LYS A 28 19.32 -1.91 7.83
N ILE A 29 18.07 -2.18 8.21
CA ILE A 29 17.60 -3.58 8.31
C ILE A 29 17.24 -4.19 6.95
N ARG A 30 17.10 -3.34 5.94
CA ARG A 30 16.62 -3.75 4.62
C ARG A 30 17.26 -4.99 3.99
N PRO A 31 18.60 -5.16 4.10
CA PRO A 31 19.15 -6.37 3.46
C PRO A 31 18.64 -7.67 4.09
N ILE A 32 18.37 -7.64 5.39
CA ILE A 32 17.80 -8.78 6.10
C ILE A 32 16.31 -8.93 5.81
N ALA A 33 15.55 -7.88 6.13
CA ALA A 33 14.10 -7.93 6.12
C ALA A 33 13.50 -8.14 4.72
N GLU A 34 14.17 -7.68 3.68
CA GLU A 34 13.60 -7.79 2.34
C GLU A 34 13.66 -9.26 1.85
N GLN A 35 14.46 -10.08 2.52
CA GLN A 35 14.52 -11.51 2.21
C GLN A 35 13.34 -12.29 2.79
N THR A 36 12.64 -11.67 3.74
CA THR A 36 11.48 -12.31 4.38
C THR A 36 10.16 -11.59 4.17
N GLY A 37 10.19 -10.41 3.55
CA GLY A 37 8.96 -9.70 3.21
C GLY A 37 8.40 -8.84 4.32
N ILE A 38 8.25 -9.41 5.52
CA ILE A 38 7.85 -8.65 6.71
C ILE A 38 8.92 -8.76 7.80
N CYS A 39 8.85 -7.85 8.77
CA CYS A 39 9.70 -7.94 9.95
C CYS A 39 8.99 -7.20 11.07
N LYS A 40 9.41 -7.45 12.30
CA LYS A 40 8.79 -6.84 13.47
C LYS A 40 9.79 -5.90 14.15
N VAL A 41 9.30 -4.76 14.63
CA VAL A 41 10.17 -3.84 15.34
C VAL A 41 9.65 -3.54 16.74
N ARG A 42 10.46 -3.86 17.74
CA ARG A 42 10.16 -3.51 19.13
C ARG A 42 10.82 -2.19 19.51
N PRO A 43 10.02 -1.17 19.78
CA PRO A 43 10.59 0.12 20.19
C PRO A 43 11.32 0.02 21.53
N PRO A 44 12.26 0.95 21.81
CA PRO A 44 12.86 1.09 23.14
C PRO A 44 11.80 1.15 24.23
N PRO A 45 12.09 0.58 25.41
CA PRO A 45 11.15 0.31 26.52
C PRO A 45 10.32 1.53 26.97
N ASP A 46 10.91 2.71 26.92
CA ASP A 46 10.25 3.93 27.40
C ASP A 46 9.42 4.65 26.32
N TRP A 47 9.68 4.37 25.04
CA TRP A 47 8.83 4.88 23.97
C TRP A 47 7.44 4.32 24.14
N GLN A 48 6.54 5.15 24.64
CA GLN A 48 5.21 4.71 24.98
C GLN A 48 4.24 5.85 24.75
N PRO A 49 3.75 5.96 23.51
CA PRO A 49 2.78 6.99 23.14
C PRO A 49 1.51 6.79 23.92
N PRO A 50 0.89 7.87 24.36
CA PRO A 50 -0.32 7.72 25.17
C PRO A 50 -1.52 7.39 24.31
N PHE A 51 -2.17 6.26 24.55
CA PHE A 51 -3.47 6.08 23.92
C PHE A 51 -4.57 6.52 24.88
N ALA A 52 -5.46 7.37 24.39
CA ALA A 52 -6.61 7.84 25.17
C ALA A 52 -7.78 8.18 24.26
N CYS A 53 -8.96 7.70 24.64
CA CYS A 53 -10.21 8.00 23.94
C CYS A 53 -11.43 7.59 24.77
N ASP A 54 -12.57 8.19 24.42
CA ASP A 54 -13.86 7.78 24.96
C ASP A 54 -14.42 6.66 24.08
N VAL A 55 -14.67 5.51 24.68
CA VAL A 55 -15.14 4.36 23.94
C VAL A 55 -16.60 4.51 23.53
N ASP A 56 -17.28 5.50 24.10
CA ASP A 56 -18.71 5.70 23.87
C ASP A 56 -19.00 6.69 22.75
N LYS A 57 -18.04 7.55 22.43
CA LYS A 57 -18.28 8.61 21.46
C LYS A 57 -17.70 8.29 20.10
N LEU A 58 -16.90 7.23 20.05
CA LEU A 58 -16.34 6.74 18.80
C LEU A 58 -17.30 5.74 18.12
N HIS A 59 -17.91 6.14 16.99
CA HIS A 59 -18.83 5.31 16.21
CA HIS A 59 -18.73 5.18 16.27
C HIS A 59 -18.16 4.84 14.90
N PHE A 60 -18.52 3.65 14.41
CA PHE A 60 -18.12 3.19 13.07
C PHE A 60 -19.04 2.10 12.56
N THR A 61 -19.07 1.95 11.24
CA THR A 61 -19.93 0.96 10.59
C THR A 61 -19.07 -0.23 10.14
N PRO A 62 -19.36 -1.42 10.69
CA PRO A 62 -18.46 -2.57 10.49
C PRO A 62 -18.72 -3.33 9.19
N ARG A 63 -17.72 -4.06 8.71
CA ARG A 63 -17.89 -4.97 7.58
C ARG A 63 -18.10 -6.40 8.05
N ILE A 64 -18.91 -7.16 7.33
CA ILE A 64 -19.17 -8.56 7.64
C ILE A 64 -18.27 -9.46 6.81
N GLN A 65 -17.71 -10.48 7.44
N GLN A 65 -17.70 -10.47 7.45
CA GLN A 65 -16.76 -11.33 6.75
CA GLN A 65 -16.76 -11.38 6.81
C GLN A 65 -17.12 -12.80 6.90
C GLN A 65 -17.19 -12.82 6.89
N ARG A 66 -17.23 -13.48 5.75
CA ARG A 66 -17.45 -14.93 5.69
C ARG A 66 -16.05 -15.57 5.68
N LEU A 67 -15.81 -16.57 6.51
CA LEU A 67 -14.45 -17.13 6.55
C LEU A 67 -14.31 -18.46 5.79
N ASN A 68 -14.12 -18.36 4.48
CA ASN A 68 -13.92 -19.52 3.62
C ASN A 68 -12.67 -19.40 2.79
N GLU A 69 -11.81 -20.42 2.87
CA GLU A 69 -10.60 -20.46 2.08
C GLU A 69 -10.90 -20.43 0.59
N LEU A 70 -10.08 -19.68 -0.16
CA LEU A 70 -10.16 -19.58 -1.63
C LEU A 70 -11.41 -18.87 -2.16
N GLU A 71 -12.29 -18.41 -1.27
CA GLU A 71 -13.47 -17.65 -1.67
C GLU A 71 -13.12 -16.17 -1.91
N ALA A 72 -13.65 -15.60 -2.99
CA ALA A 72 -13.38 -14.22 -3.38
C ALA A 72 -14.01 -13.21 -2.41
N GLN A 73 -13.20 -12.24 -2.01
CA GLN A 73 -13.68 -11.08 -1.24
C GLN A 73 -13.22 -9.80 -1.98
N THR A 74 -13.92 -8.69 -1.74
CA THR A 74 -13.53 -7.43 -2.36
C THR A 74 -12.64 -6.66 -1.38
N ARG A 75 -11.62 -5.99 -1.89
CA ARG A 75 -10.56 -5.43 -1.06
C ARG A 75 -10.98 -4.29 -0.10
N VAL A 76 -11.67 -3.26 -0.60
CA VAL A 76 -12.06 -2.14 0.25
C VAL A 76 -13.57 -1.86 0.20
N LYS A 77 -13.98 -0.75 0.82
CA LYS A 77 -15.37 -0.29 0.81
C LYS A 77 -15.50 1.10 1.43
N ARG A 84 -25.73 -0.66 9.83
CA ARG A 84 -25.34 -1.06 11.18
C ARG A 84 -24.45 -0.01 11.83
N ASP A 85 -24.25 -0.11 13.14
CA ASP A 85 -23.42 0.87 13.83
C ASP A 85 -22.97 0.40 15.22
N TYR A 86 -21.68 0.44 15.46
CA TYR A 86 -21.13 0.11 16.77
C TYR A 86 -20.40 1.30 17.36
N THR A 87 -20.41 1.44 18.69
CA THR A 87 -19.38 2.24 19.34
C THR A 87 -18.22 1.31 19.61
N LEU A 88 -17.07 1.87 19.98
CA LEU A 88 -15.95 1.03 20.37
C LEU A 88 -16.34 0.13 21.54
N ARG A 89 -17.12 0.65 22.49
CA ARG A 89 -17.54 -0.18 23.62
C ARG A 89 -18.45 -1.32 23.18
N THR A 90 -19.48 -1.04 22.39
CA THR A 90 -20.44 -2.10 22.03
C THR A 90 -19.77 -3.15 21.13
N PHE A 91 -18.81 -2.72 20.32
CA PHE A 91 -18.06 -3.65 19.47
C PHE A 91 -17.18 -4.54 20.36
N GLY A 92 -16.53 -3.92 21.32
CA GLY A 92 -15.70 -4.66 22.26
C GLY A 92 -16.48 -5.71 23.04
N GLU A 93 -17.69 -5.36 23.47
CA GLU A 93 -18.54 -6.30 24.19
C GLU A 93 -18.96 -7.48 23.29
N MET A 94 -19.31 -7.18 22.04
CA MET A 94 -19.67 -8.23 21.09
C MET A 94 -18.46 -9.13 20.82
N ALA A 95 -17.30 -8.52 20.62
CA ALA A 95 -16.08 -9.27 20.32
C ALA A 95 -15.66 -10.22 21.45
N ASP A 96 -15.72 -9.74 22.69
CA ASP A 96 -15.26 -10.54 23.83
C ASP A 96 -16.20 -11.72 24.12
N ALA A 97 -17.49 -11.44 24.11
CA ALA A 97 -18.51 -12.50 24.24
C ALA A 97 -18.38 -13.55 23.13
N PHE A 98 -18.15 -13.12 21.89
CA PHE A 98 -17.97 -14.07 20.78
C PHE A 98 -16.82 -15.03 21.06
N LYS A 99 -15.65 -14.50 21.36
CA LYS A 99 -14.48 -15.36 21.59
C LYS A 99 -14.69 -16.30 22.78
N SER A 100 -15.32 -15.75 23.82
CA SER A 100 -15.53 -16.45 25.08
C SER A 100 -16.49 -17.63 24.88
N ASP A 101 -17.57 -17.39 24.12
CA ASP A 101 -18.53 -18.45 23.81
C ASP A 101 -18.00 -19.48 22.82
N TYR A 102 -17.09 -19.07 21.94
CA TYR A 102 -16.56 -19.98 20.91
C TYR A 102 -15.70 -21.05 21.55
N PHE A 103 -14.93 -20.67 22.56
CA PHE A 103 -14.00 -21.62 23.19
C PHE A 103 -14.46 -22.07 24.58
N ASN A 104 -15.57 -21.52 25.07
CA ASN A 104 -15.99 -21.70 26.47
C ASN A 104 -14.83 -21.51 27.46
N MET A 105 -14.10 -20.41 27.27
CA MET A 105 -12.98 -20.06 28.15
C MET A 105 -12.98 -18.57 28.45
N PRO A 106 -12.32 -18.15 29.55
CA PRO A 106 -12.12 -16.71 29.74
C PRO A 106 -11.28 -16.19 28.59
N VAL A 107 -11.51 -14.96 28.16
CA VAL A 107 -10.89 -14.59 26.89
C VAL A 107 -9.39 -14.60 26.78
N HIS A 108 -8.55 -14.71 27.81
CA HIS A 108 -7.15 -14.82 27.31
C HIS A 108 -6.52 -16.00 27.90
N MET A 109 -7.30 -17.00 28.28
CA MET A 109 -6.61 -18.18 28.64
C MET A 109 -6.48 -19.00 27.38
N VAL A 110 -7.05 -18.47 26.30
CA VAL A 110 -6.95 -19.11 24.99
C VAL A 110 -5.59 -18.88 24.36
N PRO A 111 -4.78 -19.95 24.28
CA PRO A 111 -3.41 -19.90 23.73
C PRO A 111 -3.38 -19.43 22.26
N THR A 112 -2.35 -18.68 21.88
CA THR A 112 -2.29 -18.10 20.54
C THR A 112 -2.13 -19.21 19.49
N GLU A 113 -1.37 -20.24 19.82
N GLU A 113 -1.34 -20.22 19.84
CA GLU A 113 -1.15 -21.34 18.88
CA GLU A 113 -1.12 -21.41 19.03
C GLU A 113 -2.40 -22.20 18.68
C GLU A 113 -2.43 -22.12 18.66
N LEU A 114 -3.38 -22.09 19.58
CA LEU A 114 -4.66 -22.79 19.41
C LEU A 114 -5.61 -22.00 18.50
N VAL A 115 -5.68 -20.69 18.70
CA VAL A 115 -6.49 -19.84 17.81
C VAL A 115 -5.98 -19.95 16.35
N GLU A 116 -4.67 -20.02 16.17
CA GLU A 116 -4.08 -20.15 14.83
C GLU A 116 -4.50 -21.45 14.14
N LYS A 117 -4.37 -22.59 14.81
CA LYS A 117 -4.71 -23.86 14.15
C LYS A 117 -6.23 -23.98 14.02
N GLU A 118 -6.97 -23.36 14.93
CA GLU A 118 -8.42 -23.34 14.79
C GLU A 118 -8.87 -22.47 13.64
N PHE A 119 -8.16 -21.36 13.39
CA PHE A 119 -8.50 -20.50 12.28
C PHE A 119 -8.38 -21.29 10.97
N TRP A 120 -7.26 -21.96 10.79
CA TRP A 120 -7.02 -22.69 9.54
C TRP A 120 -7.91 -23.92 9.40
N ARG A 121 -8.37 -24.50 10.51
CA ARG A 121 -9.35 -25.57 10.44
C ARG A 121 -10.68 -25.00 9.95
N LEU A 122 -11.18 -23.93 10.59
CA LEU A 122 -12.52 -23.45 10.24
C LEU A 122 -12.66 -22.85 8.84
N VAL A 123 -11.59 -22.28 8.28
CA VAL A 123 -11.71 -21.70 6.93
C VAL A 123 -11.68 -22.78 5.83
N SER A 124 -11.17 -23.97 6.15
CA SER A 124 -11.10 -25.04 5.16
C SER A 124 -12.34 -25.95 5.21
N THR A 125 -13.01 -25.95 6.35
CA THR A 125 -14.18 -26.79 6.56
C THR A 125 -15.46 -26.17 6.00
N ILE A 126 -16.10 -26.88 5.07
CA ILE A 126 -17.28 -26.35 4.40
C ILE A 126 -18.54 -26.37 5.28
N GLU A 127 -18.59 -27.30 6.24
CA GLU A 127 -19.72 -27.40 7.15
C GLU A 127 -19.86 -26.19 8.06
N GLU A 128 -18.73 -25.65 8.51
CA GLU A 128 -18.71 -24.44 9.33
C GLU A 128 -19.00 -23.21 8.48
N ASP A 129 -19.88 -22.33 8.96
CA ASP A 129 -20.14 -21.07 8.28
C ASP A 129 -20.02 -19.89 9.26
N VAL A 130 -18.86 -19.77 9.88
CA VAL A 130 -18.59 -18.69 10.82
C VAL A 130 -18.52 -17.34 10.11
N THR A 131 -19.26 -16.36 10.60
CA THR A 131 -19.06 -14.99 10.13
C THR A 131 -18.61 -14.07 11.27
N VAL A 132 -17.75 -13.12 10.95
CA VAL A 132 -17.30 -12.15 11.93
C VAL A 132 -17.39 -10.73 11.38
N GLU A 133 -17.00 -9.76 12.21
CA GLU A 133 -17.01 -8.34 11.80
C GLU A 133 -15.76 -7.60 12.19
N TYR A 134 -15.55 -6.47 11.52
CA TYR A 134 -14.40 -5.64 11.79
C TYR A 134 -14.55 -4.20 11.29
N GLY A 135 -13.64 -3.34 11.71
CA GLY A 135 -13.57 -1.99 11.20
C GLY A 135 -12.37 -1.74 10.30
N ALA A 136 -12.59 -1.12 9.14
CA ALA A 136 -11.49 -0.55 8.34
C ALA A 136 -11.90 0.81 7.73
N ASP A 137 -11.12 1.85 8.03
CA ASP A 137 -11.46 3.25 7.70
C ASP A 137 -10.27 4.20 7.86
N ILE A 138 -10.20 5.28 7.08
CA ILE A 138 -9.20 6.31 7.33
C ILE A 138 -9.73 7.23 8.44
N ALA A 139 -8.85 8.00 9.06
CA ALA A 139 -9.27 8.93 10.13
C ALA A 139 -10.27 9.96 9.64
N SER A 140 -11.23 10.25 10.51
CA SER A 140 -12.30 11.21 10.26
C SER A 140 -12.77 11.81 11.59
N LYS A 141 -13.81 12.63 11.55
CA LYS A 141 -14.32 13.28 12.76
C LYS A 141 -15.01 12.30 13.71
N GLU A 142 -15.71 11.31 13.16
CA GLU A 142 -16.39 10.29 13.97
C GLU A 142 -15.37 9.33 14.60
N PHE A 143 -14.22 9.19 13.93
CA PHE A 143 -13.17 8.27 14.36
C PHE A 143 -11.79 8.71 13.84
N GLY A 144 -10.94 9.20 14.75
CA GLY A 144 -9.65 9.76 14.36
C GLY A 144 -8.44 8.94 14.80
N SER A 145 -7.25 9.44 14.45
CA SER A 145 -5.99 8.78 14.76
C SER A 145 -5.84 8.38 16.24
N GLY A 146 -5.19 7.25 16.47
CA GLY A 146 -4.85 6.83 17.81
C GLY A 146 -3.56 7.50 18.29
N PHE A 147 -2.83 8.13 17.36
CA PHE A 147 -1.67 8.96 17.73
C PHE A 147 -2.08 10.40 18.02
N PRO A 148 -1.29 11.14 18.83
CA PRO A 148 -1.59 12.56 19.06
C PRO A 148 -1.49 13.38 17.77
N VAL A 149 -2.43 14.30 17.59
CA VAL A 149 -2.41 15.25 16.46
C VAL A 149 -2.64 16.66 16.98
N ARG A 150 -2.37 17.66 16.15
CA ARG A 150 -2.52 19.04 16.61
C ARG A 150 -3.94 19.57 16.52
N ASP A 151 -4.35 20.31 17.55
CA ASP A 151 -5.60 21.07 17.57
C ASP A 151 -5.56 22.00 18.79
N ILE A 154 -8.30 21.61 21.17
CA ILE A 154 -7.94 20.76 22.30
C ILE A 154 -6.48 20.98 22.76
N LYS A 155 -6.32 21.21 24.07
CA LYS A 155 -5.02 21.34 24.71
C LYS A 155 -4.44 19.95 25.02
N LEU A 156 -3.13 19.78 24.75
CA LEU A 156 -2.47 18.49 24.90
C LEU A 156 -1.57 18.45 26.15
N SER A 157 -1.52 17.29 26.80
CA SER A 157 -0.64 17.06 27.94
C SER A 157 0.80 16.94 27.47
N PRO A 158 1.78 17.40 28.29
CA PRO A 158 3.19 17.41 27.89
C PRO A 158 3.72 16.08 27.29
N GLU A 159 3.13 14.94 27.67
CA GLU A 159 3.60 13.67 27.11
C GLU A 159 3.09 13.49 25.69
N GLU A 160 1.86 13.91 25.43
CA GLU A 160 1.32 13.89 24.06
C GLU A 160 2.15 14.76 23.12
N GLU A 161 2.72 15.84 23.65
CA GLU A 161 3.50 16.78 22.83
C GLU A 161 4.86 16.19 22.45
N GLU A 162 5.43 15.38 23.32
CA GLU A 162 6.66 14.61 23.02
C GLU A 162 6.54 13.74 21.76
N TYR A 163 5.36 13.17 21.56
CA TYR A 163 5.13 12.21 20.48
C TYR A 163 4.45 12.85 19.28
N LEU A 164 4.19 14.16 19.38
CA LEU A 164 3.54 14.87 18.28
C LEU A 164 4.40 14.86 17.04
N ASP A 165 5.71 14.89 17.23
CA ASP A 165 6.58 15.07 16.09
C ASP A 165 7.50 13.87 15.93
N SER A 166 7.11 12.74 16.51
CA SER A 166 7.91 11.54 16.37
C SER A 166 7.90 11.08 14.92
N GLY A 167 9.03 10.54 14.47
CA GLY A 167 9.08 9.90 13.17
C GLY A 167 8.11 8.72 13.10
N TRP A 168 7.92 8.04 14.22
CA TRP A 168 7.09 6.84 14.25
C TRP A 168 5.63 7.14 14.58
N ASN A 169 5.31 8.41 14.80
CA ASN A 169 3.91 8.83 14.79
C ASN A 169 3.46 8.73 13.32
N LEU A 170 2.51 7.84 13.04
CA LEU A 170 2.25 7.47 11.64
C LEU A 170 1.56 8.56 10.80
N ASN A 171 1.01 9.59 11.46
CA ASN A 171 0.54 10.77 10.73
C ASN A 171 1.67 11.57 10.06
N ASN A 172 2.83 11.59 10.71
CA ASN A 172 3.97 12.34 10.21
C ASN A 172 4.75 11.62 9.12
N MET A 173 4.66 10.29 9.13
CA MET A 173 5.47 9.45 8.26
C MET A 173 5.44 9.84 6.77
N PRO A 174 4.24 10.07 6.20
CA PRO A 174 4.25 10.44 4.77
C PRO A 174 4.90 11.80 4.47
N VAL A 175 4.70 12.78 5.34
CA VAL A 175 5.09 14.17 5.03
C VAL A 175 6.50 14.52 5.48
N MET A 176 7.27 13.54 5.93
CA MET A 176 8.69 13.77 6.21
C MET A 176 9.45 13.88 4.89
N GLU A 177 10.69 14.34 4.93
CA GLU A 177 11.38 14.70 3.69
C GLU A 177 12.06 13.50 3.01
N GLN A 178 12.57 12.54 3.78
CA GLN A 178 13.13 11.35 3.14
C GLN A 178 12.05 10.45 2.53
N SER A 179 10.78 10.81 2.74
CA SER A 179 9.66 10.22 2.01
C SER A 179 9.46 10.87 0.64
N VAL A 180 9.06 10.06 -0.34
CA VAL A 180 8.94 10.52 -1.70
C VAL A 180 7.49 10.89 -2.04
N LEU A 181 6.56 10.16 -1.44
CA LEU A 181 5.12 10.42 -1.58
C LEU A 181 4.72 11.76 -0.95
N ALA A 182 5.73 12.45 -0.41
CA ALA A 182 5.54 13.67 0.35
C ALA A 182 4.91 14.77 -0.47
N HIS A 183 5.67 15.28 -1.42
CA HIS A 183 5.29 16.49 -2.14
C HIS A 183 4.31 16.24 -3.28
N ILE A 184 3.77 15.03 -3.38
CA ILE A 184 2.67 14.77 -4.31
C ILE A 184 1.51 15.73 -4.00
N THR A 185 1.18 16.57 -4.98
CA THR A 185 0.10 17.54 -4.82
C THR A 185 -1.27 16.90 -5.02
N ALA A 186 -1.36 16.01 -6.02
CA ALA A 186 -2.60 15.31 -6.31
C ALA A 186 -3.12 14.59 -5.07
N ASP A 187 -4.44 14.56 -4.91
CA ASP A 187 -5.03 13.92 -3.75
C ASP A 187 -4.92 12.41 -3.89
N ILE A 188 -4.43 11.77 -2.84
CA ILE A 188 -4.33 10.32 -2.79
C ILE A 188 -4.57 9.92 -1.34
N CYS A 189 -5.69 10.38 -0.80
CA CYS A 189 -6.08 10.11 0.58
C CYS A 189 -6.05 8.62 0.91
N GLY A 190 -6.30 7.80 -0.12
CA GLY A 190 -6.28 6.35 0.01
C GLY A 190 -4.95 5.83 0.51
N MET A 191 -3.84 6.42 0.07
CA MET A 191 -2.53 5.89 0.44
C MET A 191 -1.50 6.93 0.89
N LYS A 192 -1.94 7.95 1.62
CA LYS A 192 -0.99 8.78 2.34
C LYS A 192 -1.56 9.09 3.73
N LEU A 193 -2.86 8.90 3.89
CA LEU A 193 -3.51 9.00 5.19
C LEU A 193 -3.53 7.62 5.87
N PRO A 194 -3.32 7.60 7.19
CA PRO A 194 -3.35 6.36 7.96
C PRO A 194 -4.73 5.68 7.96
N TRP A 195 -4.72 4.35 7.95
CA TRP A 195 -5.96 3.58 8.11
C TRP A 195 -6.04 2.99 9.52
N LEU A 196 -7.26 2.87 10.00
CA LEU A 196 -7.55 2.35 11.33
C LEU A 196 -8.27 1.00 11.26
N TYR A 197 -7.77 0.01 11.98
CA TYR A 197 -8.38 -1.34 11.99
C TYR A 197 -8.81 -1.82 13.37
N VAL A 198 -10.12 -1.97 13.57
CA VAL A 198 -10.68 -2.51 14.81
C VAL A 198 -10.97 -4.00 14.67
N GLY A 199 -10.17 -4.87 15.30
CA GLY A 199 -10.31 -6.31 15.09
C GLY A 199 -11.11 -7.07 16.16
N MET A 200 -11.55 -8.28 15.81
CA MET A 200 -12.06 -9.26 16.77
C MET A 200 -11.48 -10.65 16.43
N CYS A 201 -11.74 -11.66 17.26
CA CYS A 201 -11.18 -13.01 17.03
C CYS A 201 -11.55 -13.54 15.63
N PHE A 202 -10.54 -13.94 14.85
CA PHE A 202 -10.68 -14.52 13.49
C PHE A 202 -10.92 -13.50 12.35
N SER A 203 -11.17 -12.22 12.67
CA SER A 203 -11.31 -11.25 11.57
C SER A 203 -9.96 -11.20 10.88
N SER A 204 -9.97 -11.11 9.54
CA SER A 204 -8.72 -11.37 8.82
C SER A 204 -8.48 -10.44 7.63
N PHE A 205 -7.23 -10.29 7.23
CA PHE A 205 -6.93 -9.55 6.01
C PHE A 205 -6.39 -10.53 4.96
N CYS A 206 -7.01 -10.55 3.79
CA CYS A 206 -6.63 -11.49 2.71
C CYS A 206 -5.27 -11.17 2.13
N TRP A 207 -4.69 -12.12 1.39
CA TRP A 207 -3.40 -11.93 0.74
C TRP A 207 -3.42 -10.73 -0.24
N HIS A 208 -2.43 -9.85 -0.12
CA HIS A 208 -2.34 -8.68 -1.00
C HIS A 208 -0.96 -8.05 -0.93
N ILE A 209 -0.68 -7.15 -1.87
CA ILE A 209 0.49 -6.27 -1.81
C ILE A 209 -0.05 -4.84 -1.85
N GLU A 210 0.77 -3.85 -1.49
CA GLU A 210 0.26 -2.47 -1.43
C GLU A 210 0.21 -1.81 -2.82
N ASP A 211 -0.63 -0.80 -2.97
CA ASP A 211 -0.67 -0.03 -4.22
C ASP A 211 0.72 0.50 -4.60
N HIS A 212 1.04 0.41 -5.90
CA HIS A 212 2.34 0.83 -6.44
C HIS A 212 3.55 0.17 -5.75
N TRP A 213 3.31 -0.99 -5.15
CA TRP A 213 4.37 -1.78 -4.49
C TRP A 213 5.07 -0.97 -3.41
N SER A 214 4.32 -0.14 -2.70
CA SER A 214 4.92 0.65 -1.62
C SER A 214 5.20 -0.19 -0.37
N TYR A 215 6.01 0.37 0.54
CA TYR A 215 6.14 -0.14 1.90
C TYR A 215 4.84 0.10 2.66
N SER A 216 4.66 -0.63 3.76
CA SER A 216 3.72 -0.17 4.78
C SER A 216 4.33 -0.38 6.16
N ILE A 217 3.81 0.37 7.13
N ILE A 217 3.91 0.43 7.12
CA ILE A 217 4.22 0.24 8.51
CA ILE A 217 4.21 0.14 8.52
C ILE A 217 2.94 0.19 9.35
C ILE A 217 2.91 0.09 9.28
N ASN A 218 2.90 -0.75 10.30
CA ASN A 218 1.68 -1.10 11.00
C ASN A 218 1.93 -1.09 12.49
N TYR A 219 1.09 -0.38 13.22
CA TYR A 219 1.25 -0.28 14.66
C TYR A 219 0.01 -0.77 15.38
N LEU A 220 0.22 -1.68 16.33
CA LEU A 220 -0.88 -2.16 17.16
C LEU A 220 -0.96 -1.33 18.45
N HIS A 221 -1.98 -0.48 18.56
CA HIS A 221 -2.05 0.42 19.72
C HIS A 221 -2.29 -0.37 21.00
N TRP A 222 -3.28 -1.26 20.96
N TRP A 222 -3.16 -1.37 20.90
CA TRP A 222 -3.68 -2.03 22.14
CA TRP A 222 -3.74 -2.01 22.06
C TRP A 222 -4.57 -3.24 21.81
C TRP A 222 -4.49 -3.32 21.74
N GLY A 223 -4.60 -4.21 22.73
CA GLY A 223 -5.50 -5.36 22.63
C GLY A 223 -4.77 -6.65 22.40
N GLU A 224 -5.51 -7.68 21.96
CA GLU A 224 -4.89 -9.00 21.78
C GLU A 224 -4.06 -9.03 20.48
N PRO A 225 -3.15 -9.99 20.33
CA PRO A 225 -2.21 -9.95 19.20
C PRO A 225 -2.82 -10.07 17.79
N LYS A 226 -2.02 -9.67 16.80
CA LYS A 226 -2.35 -9.77 15.38
C LYS A 226 -1.36 -10.74 14.76
N THR A 227 -1.86 -11.79 14.10
CA THR A 227 -0.97 -12.82 13.54
C THR A 227 -0.72 -12.56 12.06
N TRP A 228 0.54 -12.65 11.61
CA TRP A 228 0.94 -12.25 10.25
C TRP A 228 1.57 -13.38 9.48
N TYR A 229 1.30 -13.42 8.16
CA TYR A 229 2.07 -14.26 7.24
C TYR A 229 2.63 -13.36 6.15
N GLY A 230 3.91 -13.52 5.80
CA GLY A 230 4.56 -12.67 4.83
C GLY A 230 5.42 -13.47 3.87
N VAL A 231 5.51 -12.98 2.63
CA VAL A 231 6.30 -13.58 1.54
C VAL A 231 7.26 -12.52 0.95
N PRO A 232 8.56 -12.86 0.74
CA PRO A 232 9.44 -11.80 0.22
C PRO A 232 9.09 -11.34 -1.20
N GLY A 233 9.46 -10.10 -1.54
CA GLY A 233 9.15 -9.53 -2.84
C GLY A 233 9.64 -10.34 -4.05
N TYR A 234 10.77 -11.02 -3.91
CA TYR A 234 11.31 -11.75 -5.04
C TYR A 234 10.43 -12.96 -5.41
N ALA A 235 9.53 -13.36 -4.51
CA ALA A 235 8.69 -14.53 -4.75
C ALA A 235 7.27 -14.17 -5.13
N ALA A 236 7.02 -12.87 -5.33
CA ALA A 236 5.64 -12.41 -5.62
C ALA A 236 5.01 -13.16 -6.80
N GLU A 237 5.76 -13.36 -7.88
CA GLU A 237 5.19 -14.04 -9.05
C GLU A 237 5.01 -15.55 -8.85
N GLN A 238 5.88 -16.19 -8.06
CA GLN A 238 5.64 -17.58 -7.69
C GLN A 238 4.29 -17.73 -6.99
N LEU A 239 4.01 -16.84 -6.05
CA LEU A 239 2.77 -16.91 -5.28
C LEU A 239 1.56 -16.71 -6.17
N GLU A 240 1.65 -15.77 -7.11
CA GLU A 240 0.53 -15.49 -8.00
C GLU A 240 0.21 -16.68 -8.92
N ASN A 241 1.24 -17.39 -9.36
CA ASN A 241 1.04 -18.58 -10.17
C ASN A 241 0.36 -19.70 -9.38
N VAL A 242 0.78 -19.90 -8.13
CA VAL A 242 0.09 -20.85 -7.27
C VAL A 242 -1.37 -20.45 -7.10
N MET A 243 -1.63 -19.16 -6.94
CA MET A 243 -3.00 -18.72 -6.67
C MET A 243 -3.86 -18.75 -7.93
N LYS A 244 -3.25 -18.46 -9.08
CA LYS A 244 -3.96 -18.49 -10.35
C LYS A 244 -4.44 -19.92 -10.65
N LYS A 245 -3.65 -20.90 -10.28
CA LYS A 245 -4.02 -22.28 -10.54
C LYS A 245 -5.16 -22.78 -9.63
N LEU A 246 -5.12 -22.43 -8.34
CA LEU A 246 -6.14 -22.88 -7.39
C LEU A 246 -7.40 -22.00 -7.30
N ALA A 247 -7.34 -20.77 -7.81
CA ALA A 247 -8.51 -19.87 -7.77
C ALA A 247 -8.49 -18.80 -8.88
N PRO A 248 -8.70 -19.23 -10.14
CA PRO A 248 -8.58 -18.36 -11.33
C PRO A 248 -9.59 -17.20 -11.40
N GLU A 249 -10.68 -17.27 -10.63
CA GLU A 249 -11.69 -16.21 -10.59
C GLU A 249 -11.12 -14.88 -10.12
N LEU A 250 -10.11 -14.94 -9.25
CA LEU A 250 -9.50 -13.73 -8.69
C LEU A 250 -8.69 -12.97 -9.73
N PHE A 251 -8.53 -13.57 -10.90
CA PHE A 251 -7.60 -13.03 -11.89
C PHE A 251 -8.28 -12.50 -13.15
N VAL A 252 -9.60 -12.62 -13.23
CA VAL A 252 -10.36 -12.01 -14.32
C VAL A 252 -10.25 -10.47 -14.20
N SER A 253 -10.24 -9.77 -15.34
CA SER A 253 -10.14 -8.31 -15.34
C SER A 253 -11.31 -7.68 -14.60
N GLN A 254 -11.04 -6.61 -13.86
CA GLN A 254 -12.11 -5.92 -13.14
C GLN A 254 -12.15 -4.44 -13.52
N PRO A 255 -13.38 -3.87 -13.59
CA PRO A 255 -13.62 -2.54 -14.17
C PRO A 255 -12.96 -1.37 -13.46
N ASP A 256 -12.53 -1.53 -12.21
CA ASP A 256 -11.85 -0.44 -11.50
C ASP A 256 -11.07 -0.87 -10.27
N LEU A 257 -10.64 0.13 -9.50
CA LEU A 257 -9.85 -0.06 -8.29
C LEU A 257 -10.71 -0.48 -7.12
N LEU A 258 -12.01 -0.27 -7.24
CA LEU A 258 -12.95 -0.59 -6.17
C LEU A 258 -13.52 -2.00 -6.34
N HIS A 259 -12.85 -2.79 -7.19
CA HIS A 259 -13.34 -4.12 -7.52
C HIS A 259 -12.23 -5.17 -7.51
N GLN A 260 -11.12 -4.86 -6.84
CA GLN A 260 -10.03 -5.82 -6.72
C GLN A 260 -10.44 -7.02 -5.84
N LEU A 261 -10.17 -8.23 -6.34
CA LEU A 261 -10.59 -9.45 -5.65
C LEU A 261 -9.41 -10.09 -4.92
N VAL A 262 -9.63 -10.51 -3.67
CA VAL A 262 -8.58 -11.12 -2.85
C VAL A 262 -9.12 -12.33 -2.09
N THR A 263 -8.23 -13.15 -1.52
CA THR A 263 -8.69 -14.34 -0.81
C THR A 263 -7.82 -14.80 0.38
N ILE A 264 -8.41 -15.64 1.24
CA ILE A 264 -7.72 -16.36 2.29
C ILE A 264 -7.08 -17.64 1.71
N MET A 265 -5.84 -17.93 2.09
CA MET A 265 -5.21 -19.16 1.63
C MET A 265 -4.14 -19.63 2.61
N ASN A 266 -4.20 -20.90 2.95
CA ASN A 266 -3.29 -21.52 3.90
C ASN A 266 -1.82 -21.40 3.48
N PRO A 267 -0.97 -20.84 4.35
CA PRO A 267 0.48 -20.75 4.08
C PRO A 267 1.11 -22.10 3.75
N ASN A 268 0.61 -23.19 4.35
CA ASN A 268 1.16 -24.52 4.08
C ASN A 268 0.97 -24.89 2.59
N THR A 269 -0.13 -24.45 2.00
CA THR A 269 -0.33 -24.65 0.56
C THR A 269 0.78 -23.97 -0.25
N LEU A 270 1.12 -22.75 0.12
CA LEU A 270 2.22 -22.05 -0.54
C LEU A 270 3.58 -22.76 -0.30
N MET A 271 3.83 -23.14 0.95
CA MET A 271 5.10 -23.80 1.29
C MET A 271 5.27 -25.13 0.56
N THR A 272 4.15 -25.80 0.29
CA THR A 272 4.18 -27.05 -0.47
C THR A 272 4.61 -26.81 -1.91
N HIS A 273 4.27 -25.65 -2.45
CA HIS A 273 4.71 -25.30 -3.80
C HIS A 273 5.99 -24.48 -3.82
N GLU A 274 6.79 -24.59 -2.77
CA GLU A 274 8.14 -23.98 -2.69
C GLU A 274 8.16 -22.45 -2.63
N VAL A 275 7.06 -21.86 -2.20
CA VAL A 275 7.03 -20.42 -1.91
C VAL A 275 7.44 -20.14 -0.47
N PRO A 276 8.50 -19.36 -0.25
CA PRO A 276 8.91 -19.08 1.14
C PRO A 276 7.90 -18.20 1.90
N VAL A 277 7.49 -18.66 3.08
CA VAL A 277 6.55 -17.95 3.95
C VAL A 277 7.10 -17.78 5.38
N TYR A 278 6.90 -16.60 5.97
CA TYR A 278 7.30 -16.34 7.36
C TYR A 278 6.10 -15.90 8.18
N ARG A 279 6.18 -16.02 9.51
CA ARG A 279 5.07 -15.62 10.38
C ARG A 279 5.55 -14.76 11.55
N THR A 280 4.61 -14.08 12.21
CA THR A 280 4.91 -13.49 13.51
C THR A 280 3.59 -13.22 14.26
N ASN A 281 3.66 -13.17 15.59
CA ASN A 281 2.57 -12.61 16.40
C ASN A 281 2.96 -11.19 16.78
N GLN A 282 2.19 -10.21 16.36
CA GLN A 282 2.44 -8.83 16.70
C GLN A 282 1.63 -8.47 17.95
N CYS A 283 2.30 -8.09 19.03
CA CYS A 283 1.61 -7.65 20.25
C CYS A 283 1.52 -6.13 20.37
N ALA A 284 0.70 -5.65 21.28
CA ALA A 284 0.47 -4.22 21.50
C ALA A 284 1.78 -3.48 21.77
N GLY A 285 1.96 -2.32 21.13
CA GLY A 285 3.20 -1.56 21.23
C GLY A 285 4.29 -1.99 20.26
N GLU A 286 3.98 -2.93 19.36
CA GLU A 286 5.00 -3.34 18.38
C GLU A 286 4.61 -2.91 16.95
N PHE A 287 5.62 -2.74 16.11
CA PHE A 287 5.45 -2.37 14.71
C PHE A 287 5.72 -3.56 13.83
N VAL A 288 4.93 -3.71 12.76
CA VAL A 288 5.29 -4.56 11.63
C VAL A 288 5.53 -3.71 10.36
N ILE A 289 6.58 -4.04 9.63
CA ILE A 289 6.89 -3.34 8.40
C ILE A 289 6.81 -4.29 7.21
N THR A 290 6.09 -3.91 6.16
CA THR A 290 6.12 -4.70 4.91
C THR A 290 6.93 -3.99 3.81
N PHE A 291 7.69 -4.80 3.06
CA PHE A 291 8.60 -4.28 2.04
C PHE A 291 7.95 -4.31 0.64
N PRO A 292 8.57 -3.62 -0.35
CA PRO A 292 7.89 -3.51 -1.66
C PRO A 292 7.61 -4.85 -2.34
N ARG A 293 6.36 -5.00 -2.80
CA ARG A 293 5.88 -6.23 -3.44
C ARG A 293 5.91 -7.49 -2.54
N ALA A 294 5.96 -7.30 -1.23
CA ALA A 294 5.91 -8.43 -0.29
C ALA A 294 4.46 -8.79 0.02
N TYR A 295 4.01 -9.96 -0.41
CA TYR A 295 2.64 -10.41 -0.09
C TYR A 295 2.47 -10.65 1.43
N HIS A 296 1.30 -10.34 1.97
CA HIS A 296 1.01 -10.61 3.38
C HIS A 296 -0.47 -10.82 3.59
N SER A 297 -0.81 -11.53 4.68
CA SER A 297 -2.18 -11.77 5.17
C SER A 297 -2.13 -12.11 6.65
N GLY A 298 -3.28 -12.22 7.30
CA GLY A 298 -3.30 -12.58 8.71
C GLY A 298 -4.66 -12.46 9.33
N PHE A 299 -4.72 -12.56 10.66
CA PHE A 299 -6.01 -12.52 11.36
C PHE A 299 -5.74 -12.04 12.79
N ASN A 300 -6.78 -11.54 13.44
CA ASN A 300 -6.67 -11.06 14.81
C ASN A 300 -7.04 -12.15 15.83
N GLN A 301 -6.31 -12.15 16.94
CA GLN A 301 -6.55 -13.11 18.03
C GLN A 301 -7.75 -12.75 18.89
N GLY A 302 -8.14 -11.48 18.88
CA GLY A 302 -9.20 -11.00 19.76
C GLY A 302 -9.43 -9.52 19.51
N PHE A 303 -10.24 -8.89 20.36
CA PHE A 303 -10.50 -7.45 20.31
C PHE A 303 -9.19 -6.63 20.27
N ASN A 304 -8.97 -5.85 19.22
CA ASN A 304 -7.77 -5.00 19.20
C ASN A 304 -7.91 -3.76 18.30
N PHE A 305 -6.90 -2.90 18.28
CA PHE A 305 -6.94 -1.65 17.54
C PHE A 305 -5.58 -1.31 16.95
N ALA A 306 -5.53 -1.24 15.62
CA ALA A 306 -4.30 -1.04 14.87
C ALA A 306 -4.44 0.15 13.93
N GLU A 307 -3.30 0.66 13.48
CA GLU A 307 -3.22 1.84 12.61
C GLU A 307 -2.06 1.64 11.66
N ALA A 308 -2.29 1.86 10.36
CA ALA A 308 -1.28 1.56 9.35
C ALA A 308 -1.16 2.67 8.29
N VAL A 309 0.02 2.80 7.66
CA VAL A 309 0.15 3.77 6.57
C VAL A 309 1.13 3.30 5.51
N ASN A 310 0.87 3.64 4.25
CA ASN A 310 1.82 3.39 3.16
C ASN A 310 2.96 4.39 3.18
N PHE A 311 4.12 4.02 2.64
CA PHE A 311 5.14 5.03 2.40
C PHE A 311 6.20 4.55 1.41
N CYS A 312 6.93 5.54 0.89
CA CYS A 312 7.88 5.33 -0.20
C CYS A 312 9.20 6.04 0.07
N THR A 313 10.28 5.29 0.06
CA THR A 313 11.62 5.84 0.23
C THR A 313 12.30 5.94 -1.13
N VAL A 314 13.53 6.45 -1.14
CA VAL A 314 14.32 6.58 -2.37
C VAL A 314 14.72 5.22 -2.91
N ASP A 315 14.83 4.24 -2.01
CA ASP A 315 15.07 2.86 -2.42
C ASP A 315 13.97 2.35 -3.34
N TRP A 316 12.75 2.82 -3.11
CA TRP A 316 11.58 2.29 -3.79
C TRP A 316 11.42 2.85 -5.21
N LEU A 317 11.98 4.02 -5.49
CA LEU A 317 11.73 4.73 -6.75
C LEU A 317 11.82 3.85 -8.03
N PRO A 318 12.89 3.05 -8.19
CA PRO A 318 12.92 2.18 -9.38
C PRO A 318 11.80 1.14 -9.42
N LEU A 319 11.46 0.57 -8.26
CA LEU A 319 10.41 -0.42 -8.21
C LEU A 319 9.07 0.19 -8.57
N GLY A 320 8.86 1.43 -8.15
CA GLY A 320 7.65 2.16 -8.49
C GLY A 320 7.45 2.32 -10.00
N ARG A 321 8.55 2.53 -10.72
CA ARG A 321 8.50 2.63 -12.19
C ARG A 321 8.20 1.23 -12.79
N GLN A 322 8.87 0.21 -12.28
N GLN A 322 8.88 0.19 -12.29
CA GLN A 322 8.64 -1.16 -12.73
CA GLN A 322 8.61 -1.18 -12.74
C GLN A 322 7.20 -1.61 -12.43
C GLN A 322 7.15 -1.56 -12.47
N CYS A 323 6.63 -1.15 -11.32
CA CYS A 323 5.23 -1.43 -11.00
C CYS A 323 4.24 -0.85 -12.02
N VAL A 324 4.43 0.41 -12.41
CA VAL A 324 3.51 1.06 -13.35
C VAL A 324 3.56 0.37 -14.74
N GLU A 325 4.76 -0.03 -15.14
CA GLU A 325 4.93 -0.86 -16.32
C GLU A 325 4.16 -2.19 -16.19
N HIS A 326 4.27 -2.83 -15.03
CA HIS A 326 3.53 -4.06 -14.75
C HIS A 326 2.00 -3.84 -14.76
N TYR A 327 1.52 -2.71 -14.23
CA TYR A 327 0.09 -2.37 -14.32
C TYR A 327 -0.36 -2.24 -15.77
N ARG A 328 0.49 -1.66 -16.62
N ARG A 328 0.52 -1.69 -16.61
CA ARG A 328 0.17 -1.45 -18.03
CA ARG A 328 0.23 -1.44 -18.01
C ARG A 328 -0.08 -2.80 -18.72
C ARG A 328 -0.03 -2.76 -18.75
N LEU A 329 0.86 -3.73 -18.55
CA LEU A 329 0.69 -5.10 -19.09
C LEU A 329 -0.61 -5.78 -18.64
N LEU A 330 -1.00 -5.54 -17.39
CA LEU A 330 -2.21 -6.15 -16.83
C LEU A 330 -3.46 -5.32 -17.04
N HIS A 331 -3.32 -4.15 -17.66
CA HIS A 331 -4.46 -3.23 -17.80
C HIS A 331 -5.08 -2.85 -16.46
N ARG A 332 -4.26 -2.64 -15.42
CA ARG A 332 -4.78 -2.21 -14.12
C ARG A 332 -4.72 -0.68 -13.94
N TYR A 333 -5.70 -0.12 -13.25
CA TYR A 333 -5.70 1.30 -12.91
C TYR A 333 -4.57 1.69 -11.94
N CYS A 334 -3.99 2.88 -12.16
CA CYS A 334 -2.98 3.44 -11.27
C CYS A 334 -3.67 4.33 -10.24
N VAL A 335 -3.06 4.50 -9.07
CA VAL A 335 -3.58 5.42 -8.07
C VAL A 335 -3.11 6.84 -8.37
N PHE A 336 -1.90 6.96 -8.92
CA PHE A 336 -1.35 8.25 -9.34
C PHE A 336 -0.36 8.04 -10.49
N SER A 337 0.08 9.15 -11.10
CA SER A 337 1.10 9.09 -12.13
C SER A 337 2.48 9.17 -11.52
N HIS A 338 3.29 8.14 -11.75
CA HIS A 338 4.67 8.09 -11.29
C HIS A 338 5.50 9.21 -11.96
N ASP A 339 5.36 9.37 -13.28
CA ASP A 339 6.09 10.44 -13.99
C ASP A 339 5.74 11.85 -13.49
N GLU A 340 4.45 12.07 -13.22
CA GLU A 340 4.01 13.35 -12.70
C GLU A 340 4.69 13.64 -11.37
N MET A 341 4.91 12.60 -10.59
CA MET A 341 5.54 12.77 -9.28
C MET A 341 7.03 13.14 -9.43
N ILE A 342 7.72 12.47 -10.35
CA ILE A 342 9.12 12.75 -10.65
C ILE A 342 9.29 14.21 -11.08
N CYS A 343 8.46 14.65 -12.03
CA CYS A 343 8.56 16.01 -12.56
C CYS A 343 8.21 17.05 -11.50
N LYS A 344 7.32 16.70 -10.57
CA LYS A 344 6.97 17.63 -9.49
C LYS A 344 8.17 17.81 -8.56
N MET A 345 8.84 16.72 -8.23
CA MET A 345 10.05 16.85 -7.44
C MET A 345 11.16 17.62 -8.17
N ALA A 346 11.36 17.33 -9.45
CA ALA A 346 12.35 18.06 -10.26
C ALA A 346 12.11 19.56 -10.22
N SER A 347 10.86 19.97 -10.33
CA SER A 347 10.50 21.39 -10.28
C SER A 347 10.69 22.02 -8.90
N LYS A 348 10.95 21.20 -7.87
CA LYS A 348 11.21 21.71 -6.53
C LYS A 348 12.65 21.35 -6.11
N ALA A 349 13.54 21.20 -7.09
CA ALA A 349 14.87 20.65 -6.84
C ALA A 349 15.66 21.40 -5.78
N ASP A 350 15.48 22.72 -5.71
CA ASP A 350 16.25 23.54 -4.78
C ASP A 350 15.94 23.29 -3.29
N VAL A 351 14.76 22.78 -2.97
CA VAL A 351 14.40 22.51 -1.57
C VAL A 351 14.30 21.02 -1.24
N LEU A 352 14.88 20.17 -2.09
CA LEU A 352 14.90 18.74 -1.87
C LEU A 352 16.11 18.33 -1.03
N ASP A 353 15.92 17.31 -0.21
CA ASP A 353 17.05 16.59 0.39
C ASP A 353 18.02 16.18 -0.73
N VAL A 354 19.31 16.21 -0.46
CA VAL A 354 20.31 15.97 -1.51
C VAL A 354 20.39 14.50 -1.95
N VAL A 355 20.10 13.58 -1.04
CA VAL A 355 20.08 12.15 -1.37
C VAL A 355 18.88 11.84 -2.27
N VAL A 356 17.75 12.44 -1.90
CA VAL A 356 16.54 12.36 -2.71
C VAL A 356 16.81 12.88 -4.12
N ALA A 357 17.38 14.09 -4.20
CA ALA A 357 17.69 14.75 -5.45
C ALA A 357 18.50 13.86 -6.38
N SER A 358 19.54 13.24 -5.83
CA SER A 358 20.39 12.32 -6.58
C SER A 358 19.63 11.09 -7.11
N THR A 359 18.72 10.56 -6.32
CA THR A 359 18.00 9.34 -6.70
C THR A 359 16.89 9.66 -7.72
N VAL A 360 16.24 10.81 -7.55
CA VAL A 360 15.27 11.30 -8.53
C VAL A 360 15.94 11.54 -9.89
N GLN A 361 17.15 12.11 -9.86
CA GLN A 361 17.89 12.37 -11.09
C GLN A 361 18.07 11.10 -11.94
N LYS A 362 18.48 10.01 -11.30
CA LYS A 362 18.68 8.74 -12.02
C LYS A 362 17.38 8.22 -12.65
N ASP A 363 16.26 8.34 -11.94
CA ASP A 363 14.98 7.85 -12.45
C ASP A 363 14.52 8.72 -13.61
N MET A 364 14.76 10.02 -13.49
CA MET A 364 14.37 10.97 -14.52
C MET A 364 15.14 10.72 -15.83
N ALA A 365 16.41 10.36 -15.72
CA ALA A 365 17.23 10.05 -16.88
C ALA A 365 16.67 8.86 -17.66
N ILE A 366 16.23 7.84 -16.94
CA ILE A 366 15.56 6.70 -17.57
C ILE A 366 14.25 7.14 -18.26
N MET A 367 13.42 7.89 -17.52
CA MET A 367 12.17 8.42 -18.04
C MET A 367 12.35 9.15 -19.39
N ILE A 368 13.36 10.02 -19.45
CA ILE A 368 13.59 10.84 -20.62
C ILE A 368 14.04 10.01 -21.82
N GLU A 369 15.00 9.12 -21.59
CA GLU A 369 15.47 8.22 -22.64
C GLU A 369 14.32 7.36 -23.16
N ASP A 370 13.46 6.84 -22.29
CA ASP A 370 12.29 6.06 -22.77
C ASP A 370 11.29 6.93 -23.57
N GLU A 371 11.10 8.18 -23.13
CA GLU A 371 10.12 9.07 -23.77
C GLU A 371 10.62 9.46 -25.17
N LYS A 372 11.93 9.69 -25.28
CA LYS A 372 12.54 9.97 -26.58
C LYS A 372 12.25 8.85 -27.60
N ALA A 373 12.47 7.61 -27.21
CA ALA A 373 12.28 6.46 -28.10
C ALA A 373 10.83 6.32 -28.54
N LEU A 374 9.91 6.53 -27.59
CA LEU A 374 8.48 6.41 -27.85
C LEU A 374 8.01 7.46 -28.85
N ARG A 375 8.47 8.70 -28.69
CA ARG A 375 8.07 9.78 -29.61
C ARG A 375 8.59 9.54 -31.02
N GLU A 376 9.81 9.02 -31.13
CA GLU A 376 10.37 8.65 -32.43
C GLU A 376 9.54 7.57 -33.12
N THR A 377 9.12 6.57 -32.35
CA THR A 377 8.25 5.51 -32.86
C THR A 377 6.89 6.05 -33.38
N VAL A 378 6.22 6.94 -32.64
CA VAL A 378 4.91 7.40 -33.12
C VAL A 378 5.08 8.36 -34.31
N ARG A 379 6.19 9.08 -34.36
CA ARG A 379 6.49 9.92 -35.53
C ARG A 379 6.61 9.06 -36.80
N LYS A 380 7.24 7.90 -36.70
CA LYS A 380 7.40 7.00 -37.85
C LYS A 380 6.11 6.28 -38.20
N LEU A 381 5.07 6.47 -37.38
CA LEU A 381 3.77 5.87 -37.69
C LEU A 381 2.90 6.90 -38.38
N GLY A 382 3.41 8.12 -38.48
CA GLY A 382 2.74 9.13 -39.29
C GLY A 382 1.98 10.16 -38.49
N VAL A 383 2.16 10.16 -37.17
CA VAL A 383 1.59 11.22 -36.33
C VAL A 383 2.49 12.45 -36.43
N ILE A 384 1.98 13.52 -37.01
CA ILE A 384 2.81 14.70 -37.26
C ILE A 384 2.44 15.90 -36.42
N ASP A 385 1.14 16.17 -36.35
CA ASP A 385 0.66 17.29 -35.57
C ASP A 385 0.93 17.10 -34.07
N SER A 386 1.20 18.18 -33.35
CA SER A 386 1.37 18.08 -31.91
C SER A 386 0.96 19.38 -31.19
N GLU A 387 0.64 19.27 -29.91
CA GLU A 387 0.29 20.42 -29.08
C GLU A 387 0.59 20.15 -27.60
N ARG A 388 1.13 21.13 -26.90
N ARG A 388 1.13 21.13 -26.90
CA ARG A 388 1.40 21.00 -25.48
CA ARG A 388 1.40 21.02 -25.47
C ARG A 388 0.09 20.84 -24.71
C ARG A 388 0.10 20.89 -24.68
N MET A 389 0.11 20.07 -23.63
CA MET A 389 -1.11 19.85 -22.85
C MET A 389 -0.78 19.64 -21.39
N ASP A 390 -1.45 20.39 -20.50
CA ASP A 390 -1.22 20.26 -19.04
C ASP A 390 -2.02 19.10 -18.42
N PHE A 391 -1.52 17.89 -18.62
CA PHE A 391 -2.19 16.68 -18.12
C PHE A 391 -2.58 16.75 -16.64
N GLU A 392 -1.81 17.44 -15.80
CA GLU A 392 -2.06 17.40 -14.36
C GLU A 392 -3.35 18.14 -13.96
N LEU A 393 -3.92 18.92 -14.88
CA LEU A 393 -5.19 19.61 -14.64
C LEU A 393 -6.42 18.74 -14.89
N LEU A 394 -6.25 17.65 -15.63
CA LEU A 394 -7.35 16.73 -15.92
C LEU A 394 -7.62 15.79 -14.75
N PRO A 395 -8.91 15.61 -14.39
CA PRO A 395 -9.28 14.51 -13.48
C PRO A 395 -8.73 13.20 -14.03
N ASP A 396 -8.29 12.31 -13.15
CA ASP A 396 -7.67 11.05 -13.56
C ASP A 396 -8.50 10.25 -14.57
N ASP A 397 -9.82 10.22 -14.35
CA ASP A 397 -10.70 9.45 -15.20
C ASP A 397 -10.82 10.06 -16.60
N GLU A 398 -10.29 11.27 -16.78
CA GLU A 398 -10.25 11.86 -18.11
C GLU A 398 -8.87 11.72 -18.80
N ARG A 399 -7.94 11.00 -18.18
CA ARG A 399 -6.65 10.81 -18.84
C ARG A 399 -6.07 9.39 -18.70
N GLN A 400 -6.94 8.39 -18.74
CA GLN A 400 -6.49 7.00 -18.79
C GLN A 400 -6.46 6.48 -20.22
N CYS A 401 -5.38 5.79 -20.59
CA CYS A 401 -5.31 5.10 -21.86
C CYS A 401 -6.50 4.16 -22.07
N VAL A 402 -7.26 4.39 -23.13
CA VAL A 402 -8.41 3.56 -23.52
C VAL A 402 -8.11 2.06 -23.50
N LYS A 403 -6.89 1.69 -23.88
CA LYS A 403 -6.49 0.31 -23.93
C LYS A 403 -6.01 -0.24 -22.58
N CYS A 404 -4.91 0.30 -22.07
CA CYS A 404 -4.23 -0.29 -20.91
C CYS A 404 -4.54 0.40 -19.58
N LYS A 405 -5.34 1.46 -19.63
CA LYS A 405 -5.85 2.20 -18.45
C LYS A 405 -4.77 3.00 -17.68
N THR A 406 -3.55 3.09 -18.20
CA THR A 406 -2.51 3.83 -17.51
C THR A 406 -2.89 5.34 -17.44
N THR A 407 -2.50 6.00 -16.35
CA THR A 407 -2.77 7.42 -16.17
C THR A 407 -1.74 8.21 -16.97
N CYS A 408 -2.17 8.94 -17.99
CA CYS A 408 -1.19 9.65 -18.84
C CYS A 408 -0.64 10.92 -18.17
N PHE A 409 0.62 11.24 -18.45
CA PHE A 409 1.18 12.51 -18.02
C PHE A 409 2.24 13.07 -18.97
N MET A 410 3.23 12.26 -19.35
CA MET A 410 4.27 12.75 -20.25
C MET A 410 3.71 13.03 -21.65
N SER A 411 2.86 12.13 -22.15
CA SER A 411 2.26 12.26 -23.49
C SER A 411 1.11 11.28 -23.78
N ALA A 412 0.32 11.61 -24.80
CA ALA A 412 -0.81 10.81 -25.24
C ALA A 412 -1.16 11.17 -26.68
N ILE A 413 -1.98 10.31 -27.31
CA ILE A 413 -2.45 10.55 -28.66
C ILE A 413 -3.96 10.78 -28.64
N SER A 414 -4.40 11.85 -29.29
CA SER A 414 -5.82 12.13 -29.45
C SER A 414 -6.21 12.17 -30.92
N CYS A 415 -7.52 12.10 -31.17
CA CYS A 415 -8.08 12.29 -32.49
C CYS A 415 -9.42 13.04 -32.43
N SER A 416 -9.59 14.04 -33.30
CA SER A 416 -10.83 14.81 -33.39
C SER A 416 -12.09 13.93 -33.56
N CYS A 417 -11.92 12.79 -34.23
CA CYS A 417 -12.97 11.77 -34.32
C CYS A 417 -13.55 11.27 -32.98
N LYS A 418 -12.69 10.99 -31.99
CA LYS A 418 -13.16 10.50 -30.69
C LYS A 418 -12.85 11.52 -29.59
N PRO A 419 -13.66 12.58 -29.50
CA PRO A 419 -13.34 13.68 -28.59
C PRO A 419 -13.27 13.21 -27.14
N GLY A 420 -12.22 13.61 -26.43
CA GLY A 420 -12.06 13.22 -25.04
C GLY A 420 -11.26 11.96 -24.79
N LEU A 421 -11.13 11.09 -25.80
CA LEU A 421 -10.43 9.83 -25.61
C LEU A 421 -8.92 9.97 -25.87
N LEU A 422 -8.14 9.17 -25.13
CA LEU A 422 -6.70 9.16 -25.23
C LEU A 422 -6.15 7.75 -25.21
N VAL A 423 -5.00 7.57 -25.85
CA VAL A 423 -4.21 6.37 -25.65
C VAL A 423 -2.78 6.78 -25.31
N CYS A 424 -2.07 5.98 -24.52
CA CYS A 424 -0.65 6.22 -24.29
C CYS A 424 0.11 5.89 -25.58
N LEU A 425 1.40 6.17 -25.62
CA LEU A 425 2.15 5.99 -26.86
C LEU A 425 2.43 4.52 -27.20
N HIS A 426 2.17 3.59 -26.28
CA HIS A 426 2.27 2.15 -26.57
C HIS A 426 1.06 1.66 -27.37
N HIS A 427 -0.04 2.41 -27.33
CA HIS A 427 -1.29 1.92 -27.91
C HIS A 427 -1.89 2.85 -28.96
N VAL A 428 -1.04 3.45 -29.78
CA VAL A 428 -1.45 4.35 -30.86
C VAL A 428 -2.42 3.67 -31.85
N LYS A 429 -2.27 2.37 -32.07
CA LYS A 429 -3.18 1.66 -33.00
C LYS A 429 -4.56 1.35 -32.42
N GLU A 430 -4.82 1.76 -31.17
CA GLU A 430 -6.04 1.31 -30.47
C GLU A 430 -7.06 2.42 -30.26
N LEU A 431 -6.76 3.61 -30.78
CA LEU A 431 -7.65 4.75 -30.56
C LEU A 431 -8.88 4.76 -31.47
N CYS A 432 -8.68 4.57 -32.78
CA CYS A 432 -9.76 4.63 -33.76
C CYS A 432 -9.28 4.19 -35.15
N SER A 433 -10.13 4.32 -36.16
CA SER A 433 -9.80 3.80 -37.50
C SER A 433 -9.36 4.88 -38.51
N CYS A 434 -9.27 6.14 -38.08
CA CYS A 434 -8.81 7.22 -38.96
C CYS A 434 -7.33 7.04 -39.33
N PRO A 435 -6.91 7.61 -40.47
CA PRO A 435 -5.47 7.59 -40.78
C PRO A 435 -4.68 8.45 -39.77
N PRO A 436 -3.45 8.04 -39.49
CA PRO A 436 -2.60 8.65 -38.48
C PRO A 436 -2.33 10.15 -38.67
N TYR A 437 -2.52 10.70 -39.88
CA TYR A 437 -2.29 12.13 -40.04
C TYR A 437 -3.43 12.95 -39.39
N LYS A 438 -4.51 12.28 -39.02
CA LYS A 438 -5.59 12.95 -38.28
C LYS A 438 -5.36 12.98 -36.76
N TYR A 439 -4.28 12.34 -36.30
CA TYR A 439 -3.96 12.27 -34.86
C TYR A 439 -3.14 13.45 -34.41
N LYS A 440 -3.19 13.75 -33.12
CA LYS A 440 -2.31 14.77 -32.52
C LYS A 440 -1.52 14.14 -31.38
N LEU A 441 -0.21 14.43 -31.32
CA LEU A 441 0.56 14.12 -30.14
C LEU A 441 0.38 15.22 -29.07
N ARG A 442 -0.17 14.88 -27.91
CA ARG A 442 -0.25 15.83 -26.79
CA ARG A 442 -0.24 15.83 -26.81
C ARG A 442 0.87 15.53 -25.82
N TYR A 443 1.62 16.55 -25.42
CA TYR A 443 2.82 16.35 -24.60
C TYR A 443 2.90 17.39 -23.48
N ARG A 444 3.44 17.00 -22.33
CA ARG A 444 3.58 17.96 -21.22
C ARG A 444 4.82 18.85 -21.40
N TYR A 445 5.92 18.24 -21.81
CA TYR A 445 7.22 18.92 -21.94
C TYR A 445 7.88 18.54 -23.25
N THR A 446 8.61 19.48 -23.87
CA THR A 446 9.53 19.14 -24.95
C THR A 446 10.78 18.53 -24.32
N LEU A 447 11.53 17.73 -25.08
CA LEU A 447 12.82 17.24 -24.59
C LEU A 447 13.70 18.39 -24.09
N ASP A 448 13.67 19.52 -24.79
CA ASP A 448 14.41 20.72 -24.37
C ASP A 448 13.99 21.31 -23.04
N ASP A 449 12.74 21.10 -22.62
CA ASP A 449 12.30 21.55 -21.28
C ASP A 449 12.84 20.62 -20.21
N LEU A 450 12.95 19.35 -20.57
CA LEU A 450 13.25 18.29 -19.61
C LEU A 450 14.72 18.24 -19.16
N TYR A 451 15.66 18.47 -20.07
CA TYR A 451 17.09 18.39 -19.70
C TYR A 451 17.52 19.44 -18.67
N PRO A 452 17.02 20.69 -18.75
CA PRO A 452 17.31 21.62 -17.64
C PRO A 452 16.68 21.23 -16.28
N MET A 453 15.54 20.54 -16.28
CA MET A 453 14.91 20.12 -15.03
C MET A 453 15.81 19.07 -14.36
N MET A 454 16.34 18.17 -15.18
CA MET A 454 17.26 17.15 -14.67
C MET A 454 18.58 17.76 -14.20
N ASN A 455 19.08 18.75 -14.94
N ASN A 455 19.06 18.77 -14.92
CA ASN A 455 20.30 19.46 -14.53
CA ASN A 455 20.29 19.46 -14.55
C ASN A 455 20.17 20.13 -13.18
C ASN A 455 20.17 20.15 -13.20
N ALA A 456 18.99 20.69 -12.90
CA ALA A 456 18.72 21.31 -11.60
C ALA A 456 18.91 20.29 -10.49
N LEU A 457 18.51 19.04 -10.75
CA LEU A 457 18.64 17.96 -9.76
C LEU A 457 20.11 17.61 -9.53
N LYS A 458 20.88 17.54 -10.61
CA LYS A 458 22.30 17.21 -10.53
C LYS A 458 23.07 18.24 -9.70
N LEU A 459 22.78 19.53 -9.91
CA LEU A 459 23.38 20.61 -9.13
C LEU A 459 23.03 20.51 -7.64
N ARG A 460 21.77 20.22 -7.33
CA ARG A 460 21.36 20.10 -5.94
C ARG A 460 22.05 18.90 -5.28
N ALA A 461 22.27 17.84 -6.05
CA ALA A 461 22.95 16.65 -5.55
C ALA A 461 24.48 16.81 -5.54
N GLU A 462 24.96 17.83 -6.27
CA GLU A 462 26.40 18.10 -6.47
C GLU A 462 27.10 16.93 -7.14
ZN ZN B . -1.86 2.37 -23.15
ZN ZN C . -10.59 9.15 -35.48
S DMS D . -2.85 0.82 4.82
O DMS D . -3.30 -0.52 5.36
C1 DMS D . -3.37 0.91 3.07
C2 DMS D . -1.06 0.80 4.60
S DMS E . -10.31 -8.36 3.81
O DMS E . -9.07 -8.56 2.99
C1 DMS E . -11.68 -7.81 2.76
C2 DMS E . -10.12 -6.92 4.90
S DMS F . 4.41 19.42 -12.86
O DMS F . 3.06 19.96 -13.22
C1 DMS F . 4.18 17.85 -11.98
C2 DMS F . 5.18 20.45 -11.58
MN MN G . -1.38 -4.37 3.69
N1 EPE H . -2.98 -8.83 -8.82
C2 EPE H . -4.43 -8.60 -9.04
C3 EPE H . -5.25 -9.89 -8.93
N4 EPE H . -4.87 -10.68 -7.77
C5 EPE H . -3.46 -10.80 -7.44
C6 EPE H . -2.78 -9.43 -7.49
C7 EPE H . -5.82 -11.60 -7.17
C8 EPE H . -5.72 -11.64 -5.64
O8 EPE H . -4.76 -12.57 -5.23
C9 EPE H . -2.27 -7.54 -8.84
C10 EPE H . -0.79 -7.71 -9.19
S EPE H . 0.03 -6.08 -9.23
O1S EPE H . 1.48 -6.15 -9.38
O2S EPE H . -0.32 -5.38 -8.00
O3S EPE H . -0.52 -5.38 -10.39
C1 EDO I . 2.50 8.38 -20.21
O1 EDO I . 1.77 9.59 -20.52
C2 EDO I . 3.83 8.64 -19.49
O2 EDO I . 3.70 9.56 -18.37
C1 EDO J . -13.06 1.72 12.05
O1 EDO J . -11.96 0.81 12.10
C2 EDO J . -12.50 3.14 12.05
O2 EDO J . -13.50 4.04 11.54
C1 EDO K . 7.06 16.75 -30.44
O1 EDO K . 7.70 16.02 -29.37
C2 EDO K . 6.91 18.19 -29.97
O2 EDO K . 7.97 18.47 -29.05
C1 EDO L . 7.66 6.10 -19.59
O1 EDO L . 7.26 6.84 -18.43
C2 EDO L . 7.64 7.05 -20.78
O2 EDO L . 8.55 8.12 -20.50
C1 EDO M . 9.19 -21.15 4.51
O1 EDO M . 9.54 -22.54 4.42
C2 EDO M . 10.46 -20.31 4.66
O2 EDO M . 11.53 -20.83 3.84
C1 EDO N . -9.45 9.32 -21.90
O1 EDO N . -9.28 8.01 -22.48
C2 EDO N . -10.41 9.32 -20.70
O2 EDO N . -9.85 8.63 -19.57
C1 EDO O . 10.55 -7.33 -5.72
O1 EDO O . 11.85 -7.94 -5.64
C2 EDO O . 10.42 -6.49 -6.98
O2 EDO O . 10.32 -7.31 -8.15
C1 EDO P . 4.84 14.48 -33.34
O1 EDO P . 5.03 13.17 -33.89
C2 EDO P . 5.90 15.44 -33.84
O2 EDO P . 5.73 15.62 -35.26
C1 EDO Q . 4.10 -27.17 -9.44
O1 EDO Q . 3.40 -28.16 -8.67
C2 EDO Q . 4.59 -26.04 -8.53
O2 EDO Q . 5.62 -26.52 -7.67
C1 EDO R . -9.44 -7.62 9.71
O1 EDO R . -10.27 -7.31 8.59
C2 EDO R . -9.96 -6.88 10.93
O2 EDO R . -9.41 -5.56 10.99
N MN1 S . -2.69 -4.83 5.46
C2 MN1 S . -2.10 -5.17 6.61
C3 MN1 S . -2.79 -5.32 7.81
C4 MN1 S . -4.18 -5.19 7.80
C MN1 S . -4.96 -5.28 9.07
O MN1 S . -6.18 -5.44 9.06
OXT MN1 S . -4.25 -5.28 10.14
C5 MN1 S . -4.80 -4.88 6.59
C6 MN1 S . -4.02 -4.68 5.48
CL CL T . -15.87 -22.20 6.54
P PO4 U . -1.35 -5.15 -25.15
O1 PO4 U . -1.09 -6.55 -25.68
O2 PO4 U . -0.22 -4.23 -25.57
O3 PO4 U . -2.67 -4.68 -25.70
O4 PO4 U . -1.44 -5.16 -23.63
#